data_8EFW
#
_entry.id   8EFW
#
_cell.length_a   90.905
_cell.length_b   90.905
_cell.length_c   65.821
_cell.angle_alpha   90.000
_cell.angle_beta   90.000
_cell.angle_gamma   120.000
#
_symmetry.space_group_name_H-M   'P 32 2 1'
#
loop_
_entity.id
_entity.type
_entity.pdbx_description
1 polymer SdeA
2 polymer Ubiquitin
#
loop_
_entity_poly.entity_id
_entity_poly.type
_entity_poly.pdbx_seq_one_letter_code
_entity_poly.pdbx_strand_id
1 'polypeptide(L)'
;PLGSMPKYVEGVELTQEGMHAIFARMGYGDITSGSIYNGVPTIDTGALNRQGFMPVLTGVGPHRDSGHWIMLIKGPGNQY
YLFDPLGKTSGEGYQNILAAQLPMGSTLSVIPNGSGLNMGLCGYWVASAGLRAHQALNQHNPPTLLNVGQTITNEMRNEL
DHDGYRKITGWLRAVADEFPEGEPQLDGKALRENTEKDLK
;
B
2 'polypeptide(L)' MQIFVKTLTGKTITLEVEPSDTIENVKAKIQDKEGIPPDQQRLIFAGKQLEDGRTLSDYNIQKESTLHLVLRLRGC C
#
# COMPACT_ATOMS: atom_id res chain seq x y z
N PRO A 1 32.92 -25.25 1.40
CA PRO A 1 32.23 -24.14 0.72
C PRO A 1 31.30 -23.37 1.66
N LEU A 2 31.29 -22.04 1.53
CA LEU A 2 30.42 -21.21 2.36
C LEU A 2 28.97 -21.61 2.14
N GLY A 3 28.44 -22.43 3.06
CA GLY A 3 27.07 -22.92 2.97
C GLY A 3 26.07 -21.96 3.54
N SER A 4 24.95 -22.50 4.00
CA SER A 4 23.84 -21.73 4.56
C SER A 4 23.39 -20.61 3.62
N MET A 5 22.51 -20.92 2.67
CA MET A 5 22.05 -19.91 1.71
C MET A 5 21.51 -18.69 2.45
N PRO A 6 21.90 -17.47 2.07
CA PRO A 6 21.64 -16.36 2.97
C PRO A 6 20.47 -15.46 2.59
N LYS A 7 19.64 -15.22 3.60
CA LYS A 7 18.39 -14.49 3.54
C LYS A 7 18.68 -13.00 3.59
N TYR A 8 18.63 -12.31 2.47
CA TYR A 8 19.10 -10.93 2.53
C TYR A 8 17.94 -10.02 2.89
N VAL A 9 18.24 -8.96 3.65
CA VAL A 9 17.23 -8.00 4.13
C VAL A 9 16.69 -7.02 3.10
N GLU A 10 17.29 -6.92 1.92
CA GLU A 10 16.69 -6.07 0.88
C GLU A 10 15.40 -6.66 0.29
N GLY A 11 15.00 -7.84 0.75
CA GLY A 11 13.94 -8.59 0.12
C GLY A 11 12.77 -8.68 1.07
N VAL A 12 12.95 -8.06 2.24
CA VAL A 12 11.85 -7.86 3.18
C VAL A 12 10.86 -6.88 2.54
N GLU A 13 9.69 -7.37 2.17
CA GLU A 13 8.68 -6.50 1.59
C GLU A 13 7.53 -6.30 2.57
N LEU A 14 6.98 -5.10 2.59
CA LEU A 14 5.81 -4.78 3.41
C LEU A 14 4.50 -5.31 2.81
N THR A 15 3.71 -6.03 3.62
CA THR A 15 2.35 -6.40 3.24
C THR A 15 1.41 -5.19 3.37
N GLN A 16 0.17 -5.29 2.84
CA GLN A 16 -0.80 -4.20 3.03
C GLN A 16 -1.08 -4.03 4.52
N GLU A 17 -1.21 -5.15 5.22
CA GLU A 17 -1.39 -5.13 6.66
C GLU A 17 -0.18 -4.50 7.33
N GLY A 18 1.02 -4.81 6.83
CA GLY A 18 2.22 -4.24 7.40
C GLY A 18 2.28 -2.73 7.23
N MET A 19 1.90 -2.22 6.06
CA MET A 19 1.90 -0.77 5.84
C MET A 19 0.89 -0.09 6.78
N HIS A 20 -0.34 -0.63 6.83
CA HIS A 20 -1.33 -0.11 7.78
C HIS A 20 -0.77 -0.14 9.19
N ALA A 21 -0.13 -1.24 9.54
CA ALA A 21 0.41 -1.41 10.88
C ALA A 21 1.47 -0.36 11.17
N ILE A 22 2.29 -0.01 10.18
CA ILE A 22 3.37 0.94 10.44
C ILE A 22 2.78 2.33 10.67
N PHE A 23 1.77 2.67 9.89
CA PHE A 23 1.11 3.96 10.09
C PHE A 23 0.35 4.00 11.41
N ALA A 24 -0.26 2.88 11.81
CA ALA A 24 -0.95 2.80 13.10
C ALA A 24 0.03 2.97 14.26
N ARG A 25 1.19 2.31 14.16
CA ARG A 25 2.17 2.39 15.23
C ARG A 25 2.66 3.82 15.35
N MET A 26 2.73 4.53 14.22
CA MET A 26 3.19 5.92 14.26
C MET A 26 2.08 6.82 14.78
N GLY A 27 0.83 6.38 14.72
CA GLY A 27 -0.25 7.13 15.33
C GLY A 27 -1.30 7.71 14.42
N TYR A 28 -1.40 7.23 13.19
CA TYR A 28 -2.36 7.80 12.27
C TYR A 28 -3.71 7.07 12.28
N GLY A 29 -3.89 6.13 13.20
CA GLY A 29 -5.14 5.39 13.31
C GLY A 29 -5.30 4.32 12.24
N ASP A 30 -6.54 3.96 11.96
CA ASP A 30 -6.81 2.90 10.99
C ASP A 30 -7.02 3.62 9.67
N ILE A 31 -5.96 3.67 8.89
CA ILE A 31 -5.96 4.45 7.66
C ILE A 31 -6.38 3.56 6.50
N THR A 32 -6.86 4.20 5.45
CA THR A 32 -7.13 3.53 4.17
C THR A 32 -5.95 3.88 3.28
N SER A 33 -5.38 2.86 2.64
CA SER A 33 -4.29 2.97 1.69
C SER A 33 -4.85 2.82 0.28
N GLY A 34 -4.01 3.02 -0.73
CA GLY A 34 -4.46 2.90 -2.10
C GLY A 34 -3.61 1.86 -2.82
N SER A 35 -3.97 1.61 -4.07
CA SER A 35 -3.21 0.68 -4.90
C SER A 35 -3.47 0.91 -6.37
N ILE A 36 -2.66 0.27 -7.21
CA ILE A 36 -2.91 0.22 -8.63
C ILE A 36 -2.87 -1.27 -8.98
N TYR A 37 -4.03 -1.83 -9.27
CA TYR A 37 -4.23 -3.26 -9.46
C TYR A 37 -4.56 -3.59 -10.90
N ASN A 38 -3.73 -4.41 -11.54
CA ASN A 38 -3.90 -4.73 -12.95
C ASN A 38 -4.07 -3.47 -13.79
N GLY A 39 -3.33 -2.43 -13.42
CA GLY A 39 -3.28 -1.15 -14.09
C GLY A 39 -4.40 -0.17 -13.76
N VAL A 40 -5.34 -0.50 -12.88
CA VAL A 40 -6.42 0.42 -12.54
C VAL A 40 -6.27 0.84 -11.08
N PRO A 41 -6.14 2.14 -10.79
CA PRO A 41 -5.95 2.57 -9.39
C PRO A 41 -7.23 2.45 -8.58
N THR A 42 -7.08 1.98 -7.35
CA THR A 42 -8.07 2.26 -6.31
C THR A 42 -7.46 3.21 -5.28
N ILE A 43 -7.92 4.46 -5.26
CA ILE A 43 -7.45 5.46 -4.30
C ILE A 43 -8.69 6.21 -3.80
N ASP A 44 -9.02 6.08 -2.51
CA ASP A 44 -10.12 6.85 -1.92
C ASP A 44 -9.65 8.25 -1.61
N THR A 45 -10.10 9.22 -2.43
CA THR A 45 -9.63 10.59 -2.30
C THR A 45 -10.19 11.28 -1.06
N GLY A 46 -11.38 10.88 -0.62
CA GLY A 46 -11.91 11.43 0.62
C GLY A 46 -10.99 11.12 1.77
N ALA A 47 -10.60 9.85 1.88
CA ALA A 47 -9.69 9.40 2.92
C ALA A 47 -8.32 10.04 2.73
N LEU A 48 -7.88 10.23 1.47
CA LEU A 48 -6.62 10.91 1.22
C LEU A 48 -6.62 12.30 1.83
N ASN A 49 -7.60 13.12 1.47
CA ASN A 49 -7.71 14.46 2.03
C ASN A 49 -7.84 14.44 3.55
N ARG A 50 -8.53 13.44 4.10
CA ARG A 50 -8.72 13.36 5.55
C ARG A 50 -7.42 12.99 6.27
N GLN A 51 -6.67 12.06 5.70
CA GLN A 51 -5.41 11.63 6.26
C GLN A 51 -4.29 12.62 5.97
N GLY A 52 -4.33 13.25 4.80
CA GLY A 52 -3.25 14.08 4.32
C GLY A 52 -2.25 13.34 3.45
N PHE A 53 -2.31 12.01 3.40
CA PHE A 53 -1.39 11.19 2.63
C PHE A 53 -2.08 9.86 2.38
N MET A 54 -1.48 9.06 1.49
CA MET A 54 -1.94 7.70 1.20
C MET A 54 -0.82 6.86 0.59
N PRO A 55 -0.38 5.77 1.21
CA PRO A 55 0.54 4.86 0.51
C PRO A 55 -0.20 4.09 -0.59
N VAL A 56 0.46 3.90 -1.73
CA VAL A 56 -0.13 3.29 -2.91
C VAL A 56 0.75 2.16 -3.40
N LEU A 57 0.20 0.93 -3.41
CA LEU A 57 0.91 -0.24 -3.89
C LEU A 57 0.72 -0.43 -5.39
N THR A 58 1.73 -0.05 -6.15
CA THR A 58 1.71 -0.12 -7.60
C THR A 58 2.30 -1.45 -8.04
N GLY A 59 2.08 -1.79 -9.30
CA GLY A 59 2.73 -2.89 -9.97
C GLY A 59 2.27 -4.24 -9.54
N VAL A 60 1.18 -4.32 -8.79
CA VAL A 60 0.64 -5.61 -8.39
C VAL A 60 -0.45 -5.94 -9.38
N GLY A 61 -0.94 -7.17 -9.33
CA GLY A 61 -1.85 -7.64 -10.33
C GLY A 61 -2.17 -9.10 -10.16
N PRO A 62 -2.95 -9.63 -11.11
CA PRO A 62 -3.37 -11.04 -11.03
C PRO A 62 -2.18 -11.95 -10.78
N HIS A 63 -1.08 -11.70 -11.51
CA HIS A 63 0.13 -12.51 -11.50
C HIS A 63 1.29 -11.85 -10.76
N ARG A 64 1.29 -10.53 -10.61
CA ARG A 64 2.35 -9.77 -9.94
C ARG A 64 2.01 -9.73 -8.45
N ASP A 65 2.62 -10.60 -7.65
CA ASP A 65 2.37 -10.54 -6.21
C ASP A 65 3.17 -9.45 -5.52
N SER A 66 4.45 -9.29 -5.88
CA SER A 66 5.28 -8.20 -5.38
C SER A 66 5.06 -6.93 -6.19
N GLY A 67 5.29 -5.77 -5.58
CA GLY A 67 5.08 -4.63 -6.44
C GLY A 67 5.92 -3.44 -6.07
N HIS A 68 5.39 -2.21 -6.00
CA HIS A 68 6.21 -1.08 -5.58
C HIS A 68 5.46 -0.08 -4.70
N TRP A 69 5.84 0.09 -3.45
CA TRP A 69 5.20 1.15 -2.64
C TRP A 69 5.60 2.55 -3.09
N ILE A 70 4.62 3.45 -3.24
CA ILE A 70 4.87 4.88 -3.36
C ILE A 70 3.97 5.65 -2.39
N MET A 71 4.15 6.97 -2.32
CA MET A 71 3.32 7.80 -1.42
C MET A 71 2.61 8.90 -2.20
N LEU A 72 1.28 8.97 -2.08
CA LEU A 72 0.48 10.08 -2.57
C LEU A 72 0.32 11.09 -1.44
N ILE A 73 0.58 12.37 -1.72
CA ILE A 73 0.52 13.42 -0.71
C ILE A 73 -0.43 14.51 -1.18
N LYS A 74 -1.26 15.02 -0.28
CA LYS A 74 -2.10 16.17 -0.60
C LYS A 74 -1.43 17.43 -0.08
N GLY A 75 -1.28 18.42 -0.98
CA GLY A 75 -0.68 19.69 -0.60
C GLY A 75 -1.70 20.72 -0.19
N PRO A 76 -1.31 22.00 -0.22
CA PRO A 76 -2.30 23.07 -0.05
C PRO A 76 -3.14 23.26 -1.30
N GLY A 77 -4.43 23.53 -1.09
CA GLY A 77 -5.29 23.75 -2.24
C GLY A 77 -5.56 22.45 -2.96
N ASN A 78 -5.45 22.49 -4.28
CA ASN A 78 -5.75 21.32 -5.09
C ASN A 78 -4.47 20.71 -5.65
N GLN A 79 -3.37 20.78 -4.91
CA GLN A 79 -2.11 20.24 -5.38
C GLN A 79 -1.88 18.92 -4.66
N TYR A 80 -1.51 17.92 -5.42
CA TYR A 80 -1.16 16.62 -4.91
C TYR A 80 0.23 16.35 -5.46
N TYR A 81 0.96 15.54 -4.72
CA TYR A 81 2.34 15.22 -5.00
C TYR A 81 2.49 13.71 -4.98
N LEU A 82 3.45 13.22 -5.74
CA LEU A 82 3.75 11.79 -5.77
C LEU A 82 5.20 11.64 -5.37
N PHE A 83 5.46 10.96 -4.23
CA PHE A 83 6.81 10.63 -3.78
C PHE A 83 7.15 9.19 -4.12
N ASP A 84 8.17 8.99 -4.94
CA ASP A 84 8.65 7.66 -5.30
C ASP A 84 10.08 7.50 -4.80
N PRO A 85 10.35 6.63 -3.84
CA PRO A 85 11.72 6.48 -3.33
C PRO A 85 12.72 6.09 -4.39
N LEU A 86 12.25 5.55 -5.51
CA LEU A 86 13.15 5.20 -6.60
C LEU A 86 13.55 6.39 -7.47
N GLY A 87 12.88 7.53 -7.33
CA GLY A 87 13.23 8.77 -8.01
C GLY A 87 12.17 9.27 -8.97
N LYS A 88 12.50 10.43 -9.56
CA LYS A 88 11.54 11.20 -10.35
C LYS A 88 10.99 10.42 -11.54
N THR A 89 11.87 9.78 -12.33
CA THR A 89 11.43 9.05 -13.53
C THR A 89 10.44 7.93 -13.20
N SER A 90 10.77 7.08 -12.21
CA SER A 90 9.83 6.05 -11.78
C SER A 90 8.45 6.63 -11.43
N GLY A 91 8.42 7.66 -10.59
CA GLY A 91 7.14 8.26 -10.22
C GLY A 91 6.37 8.82 -11.40
N GLU A 92 7.10 9.46 -12.32
CA GLU A 92 6.48 9.96 -13.54
C GLU A 92 5.82 8.81 -14.30
N GLY A 93 6.35 7.60 -14.14
CA GLY A 93 5.65 6.41 -14.62
C GLY A 93 4.23 6.24 -14.12
N TYR A 94 3.89 6.75 -12.93
CA TYR A 94 2.56 6.60 -12.35
C TYR A 94 1.77 7.89 -12.30
N GLN A 95 2.42 9.01 -12.60
CA GLN A 95 1.78 10.32 -12.58
C GLN A 95 0.39 10.31 -13.21
N ASN A 96 0.31 9.85 -14.47
CA ASN A 96 -0.93 9.91 -15.23
C ASN A 96 -2.03 9.05 -14.62
N ILE A 97 -1.74 7.77 -14.40
CA ILE A 97 -2.78 6.87 -13.92
C ILE A 97 -3.30 7.33 -12.55
N LEU A 98 -2.44 7.95 -11.73
CA LEU A 98 -2.92 8.46 -10.45
C LEU A 98 -3.66 9.77 -10.60
N ALA A 99 -3.20 10.63 -11.52
CA ALA A 99 -3.84 11.92 -11.72
C ALA A 99 -5.30 11.76 -12.11
N ALA A 100 -5.60 10.76 -12.93
CA ALA A 100 -7.00 10.61 -13.33
C ALA A 100 -7.96 10.26 -12.18
N GLN A 101 -7.46 9.98 -10.98
CA GLN A 101 -8.31 9.63 -9.84
C GLN A 101 -8.59 10.80 -8.88
N LEU A 102 -7.93 11.93 -9.07
CA LEU A 102 -8.05 13.12 -8.23
C LEU A 102 -9.18 14.05 -8.68
N PRO A 103 -9.64 14.92 -7.77
CA PRO A 103 -10.71 15.88 -8.10
C PRO A 103 -10.42 16.68 -9.37
N MET A 104 -11.50 17.06 -10.05
CA MET A 104 -11.37 17.91 -11.24
C MET A 104 -10.59 19.17 -10.89
N GLY A 105 -9.71 19.60 -11.81
CA GLY A 105 -8.93 20.78 -11.55
C GLY A 105 -7.62 20.55 -10.83
N SER A 106 -7.38 19.33 -10.32
CA SER A 106 -6.14 18.98 -9.63
C SER A 106 -4.95 18.86 -10.56
N THR A 107 -3.77 18.99 -9.97
CA THR A 107 -2.50 18.74 -10.64
C THR A 107 -1.76 17.78 -9.72
N LEU A 108 -1.01 16.82 -10.28
CA LEU A 108 -0.23 15.89 -9.47
C LEU A 108 1.20 16.01 -9.96
N SER A 109 2.10 16.43 -9.08
CA SER A 109 3.51 16.54 -9.42
C SER A 109 4.38 15.57 -8.63
N VAL A 110 5.39 15.06 -9.32
CA VAL A 110 6.39 14.17 -8.75
C VAL A 110 7.53 14.96 -8.11
N ILE A 111 7.84 14.62 -6.86
CA ILE A 111 9.01 15.15 -6.16
C ILE A 111 10.27 14.71 -6.91
N PRO A 112 11.10 15.65 -7.32
CA PRO A 112 12.26 15.33 -8.16
C PRO A 112 13.47 14.84 -7.37
N ASN A 113 13.29 13.75 -6.64
CA ASN A 113 14.45 13.19 -5.97
C ASN A 113 15.20 12.25 -6.91
N GLY A 114 16.46 11.99 -6.57
CA GLY A 114 17.31 11.21 -7.45
C GLY A 114 17.17 9.71 -7.26
N SER A 115 17.44 8.97 -8.33
CA SER A 115 17.39 7.52 -8.26
C SER A 115 18.70 6.98 -7.70
N GLY A 116 18.71 5.69 -7.44
CA GLY A 116 19.95 5.08 -7.01
C GLY A 116 20.33 5.26 -5.57
N LEU A 117 19.48 5.78 -4.69
CA LEU A 117 19.90 5.99 -3.32
C LEU A 117 19.06 5.12 -2.38
N ASN A 118 18.12 4.38 -2.97
CA ASN A 118 17.18 3.50 -2.29
C ASN A 118 17.85 2.24 -1.73
N MET A 119 18.72 1.60 -2.53
CA MET A 119 19.45 0.34 -2.24
C MET A 119 18.58 -0.87 -1.91
N GLY A 120 17.40 -0.99 -2.53
CA GLY A 120 16.62 -2.16 -2.27
C GLY A 120 15.96 -2.25 -0.96
N LEU A 121 15.80 -1.14 -0.29
CA LEU A 121 15.26 -1.16 1.05
C LEU A 121 13.88 -0.59 0.86
N CYS A 122 12.88 -1.35 1.29
CA CYS A 122 11.48 -1.07 1.03
C CYS A 122 10.75 -0.50 2.23
N GLY A 123 9.64 0.16 1.92
CA GLY A 123 8.85 0.74 2.97
C GLY A 123 9.35 1.81 3.89
N TYR A 124 10.57 1.68 4.40
CA TYR A 124 11.09 2.73 5.25
C TYR A 124 11.08 4.10 4.60
N TRP A 125 11.55 4.20 3.35
CA TRP A 125 11.54 5.53 2.74
C TRP A 125 10.15 6.10 2.49
N VAL A 126 9.20 5.28 2.02
CA VAL A 126 7.86 5.86 1.84
C VAL A 126 7.28 6.32 3.18
N ALA A 127 7.48 5.51 4.23
CA ALA A 127 6.92 5.73 5.56
C ALA A 127 7.69 6.74 6.38
N SER A 128 8.78 7.27 5.84
CA SER A 128 9.58 8.28 6.52
C SER A 128 9.69 9.51 5.65
N ALA A 129 10.46 9.48 4.58
CA ALA A 129 10.55 10.64 3.70
C ALA A 129 9.20 11.10 3.13
N GLY A 130 8.25 10.19 2.86
CA GLY A 130 6.95 10.65 2.38
C GLY A 130 6.25 11.56 3.36
N LEU A 131 6.20 11.14 4.64
CA LEU A 131 5.55 11.98 5.67
C LEU A 131 6.28 13.32 5.84
N ARG A 132 7.61 13.27 5.81
CA ARG A 132 8.39 14.48 5.99
C ARG A 132 8.22 15.44 4.80
N ALA A 133 8.04 14.89 3.59
CA ALA A 133 7.72 15.65 2.39
C ALA A 133 6.34 16.28 2.50
N HIS A 134 5.37 15.51 2.99
CA HIS A 134 4.03 16.05 3.27
C HIS A 134 4.10 17.29 4.15
N GLN A 135 4.80 17.19 5.27
CA GLN A 135 4.90 18.33 6.18
C GLN A 135 5.63 19.51 5.54
N ALA A 136 6.71 19.23 4.80
CA ALA A 136 7.45 20.30 4.12
C ALA A 136 6.57 21.05 3.14
N LEU A 137 5.82 20.33 2.30
CA LEU A 137 4.97 20.92 1.26
C LEU A 137 3.73 21.62 1.80
N ASN A 138 3.36 21.41 3.07
CA ASN A 138 2.14 21.97 3.66
C ASN A 138 2.36 23.04 4.72
N GLN A 139 3.57 23.59 4.85
CA GLN A 139 3.81 24.66 5.81
C GLN A 139 3.39 25.98 5.15
N HIS A 140 3.23 27.03 5.96
CA HIS A 140 2.79 28.32 5.42
C HIS A 140 3.54 28.76 4.15
N ASN A 141 4.87 28.87 4.24
CA ASN A 141 5.65 29.26 3.06
C ASN A 141 6.48 28.09 2.55
N PRO A 142 5.90 27.18 1.78
CA PRO A 142 6.60 25.97 1.39
C PRO A 142 7.74 26.27 0.44
N PRO A 143 8.85 25.54 0.56
CA PRO A 143 9.92 25.67 -0.44
C PRO A 143 9.42 25.14 -1.77
N THR A 144 10.17 25.43 -2.82
CA THR A 144 9.78 24.91 -4.11
C THR A 144 9.86 23.39 -4.12
N LEU A 145 9.22 22.81 -5.13
CA LEU A 145 9.25 21.36 -5.33
C LEU A 145 10.69 20.88 -5.52
N LEU A 146 11.47 21.63 -6.30
CA LEU A 146 12.87 21.30 -6.49
C LEU A 146 13.62 21.21 -5.16
N ASN A 147 13.48 22.21 -4.29
CA ASN A 147 14.17 22.17 -3.01
C ASN A 147 13.76 20.97 -2.14
N VAL A 148 12.49 20.58 -2.16
CA VAL A 148 12.11 19.42 -1.34
C VAL A 148 12.72 18.16 -1.91
N GLY A 149 12.68 18.03 -3.24
CA GLY A 149 13.30 16.86 -3.85
C GLY A 149 14.79 16.80 -3.55
N GLN A 150 15.46 17.95 -3.63
CA GLN A 150 16.89 18.00 -3.32
C GLN A 150 17.17 17.54 -1.89
N THR A 151 16.44 18.09 -0.90
CA THR A 151 16.70 17.68 0.48
C THR A 151 16.39 16.21 0.71
N ILE A 152 15.33 15.69 0.07
CA ILE A 152 14.97 14.29 0.24
C ILE A 152 16.09 13.39 -0.30
N THR A 153 16.65 13.75 -1.47
CA THR A 153 17.74 12.98 -2.07
C THR A 153 18.97 13.00 -1.17
N ASN A 154 19.34 14.18 -0.68
CA ASN A 154 20.52 14.29 0.18
C ASN A 154 20.31 13.51 1.47
N GLU A 155 19.08 13.50 1.99
CA GLU A 155 18.83 12.77 3.23
C GLU A 155 18.94 11.27 3.01
N MET A 156 18.40 10.76 1.90
CA MET A 156 18.57 9.34 1.61
C MET A 156 20.04 8.98 1.43
N ARG A 157 20.79 9.80 0.68
CA ARG A 157 22.21 9.52 0.48
C ARG A 157 23.00 9.59 1.78
N ASN A 158 22.76 10.60 2.63
CA ASN A 158 23.56 10.67 3.85
C ASN A 158 23.19 9.54 4.82
N GLU A 159 21.92 9.15 4.86
CA GLU A 159 21.51 8.04 5.72
C GLU A 159 21.98 6.69 5.17
N LEU A 160 22.66 6.70 4.01
CA LEU A 160 23.24 5.53 3.35
C LEU A 160 24.46 4.95 4.06
N ASP A 161 25.13 5.69 4.93
CA ASP A 161 26.29 5.13 5.64
C ASP A 161 25.87 3.98 6.57
N HIS A 162 26.87 3.16 6.96
CA HIS A 162 26.75 1.99 7.83
C HIS A 162 25.76 2.15 8.97
N ASP A 163 25.94 3.19 9.78
CA ASP A 163 24.99 3.45 10.86
C ASP A 163 23.56 3.47 10.35
N GLY A 164 23.31 4.21 9.26
CA GLY A 164 21.96 4.27 8.71
C GLY A 164 21.45 2.92 8.25
N TYR A 165 22.31 2.16 7.57
CA TYR A 165 21.92 0.84 7.09
C TYR A 165 21.55 -0.05 8.27
N ARG A 166 22.36 0.01 9.34
CA ARG A 166 22.09 -0.76 10.55
C ARG A 166 20.74 -0.38 11.14
N LYS A 167 20.43 0.92 11.19
CA LYS A 167 19.17 1.36 11.78
C LYS A 167 17.99 0.86 10.94
N ILE A 168 18.11 0.98 9.62
CA ILE A 168 17.10 0.53 8.68
C ILE A 168 16.93 -0.98 8.77
N THR A 169 18.05 -1.72 8.80
CA THR A 169 18.01 -3.17 8.80
C THR A 169 17.37 -3.66 10.09
N GLY A 170 17.62 -2.95 11.20
CA GLY A 170 16.94 -3.32 12.42
C GLY A 170 15.44 -3.14 12.27
N TRP A 171 15.02 -2.01 11.67
CA TRP A 171 13.58 -1.82 11.44
C TRP A 171 12.99 -2.89 10.52
N LEU A 172 13.59 -3.10 9.35
CA LEU A 172 13.12 -4.07 8.37
C LEU A 172 13.01 -5.47 8.93
N ARG A 173 14.04 -5.89 9.68
CA ARG A 173 14.03 -7.19 10.31
C ARG A 173 12.92 -7.28 11.36
N ALA A 174 12.66 -6.19 12.07
CA ALA A 174 11.60 -6.07 13.06
C ALA A 174 10.22 -6.14 12.42
N VAL A 175 10.15 -6.57 11.17
CA VAL A 175 8.84 -6.55 10.52
C VAL A 175 8.31 -7.98 10.47
N ALA A 176 7.76 -8.42 11.62
CA ALA A 176 7.19 -9.75 11.84
C ALA A 176 5.96 -10.02 10.96
N ASP A 177 5.87 -9.37 9.79
CA ASP A 177 4.75 -9.52 8.84
C ASP A 177 5.32 -10.22 7.61
N GLU A 178 5.64 -11.49 7.82
CA GLU A 178 6.13 -12.49 6.88
C GLU A 178 5.84 -12.38 5.37
N PHE A 179 6.44 -11.39 4.70
CA PHE A 179 6.46 -11.38 3.23
C PHE A 179 7.80 -12.09 3.13
N PRO A 180 7.85 -13.36 2.77
CA PRO A 180 9.17 -13.98 2.71
C PRO A 180 10.20 -13.52 1.70
N GLU A 181 11.42 -13.89 2.08
CA GLU A 181 12.70 -13.66 1.43
C GLU A 181 13.20 -14.99 0.89
N GLY A 182 12.22 -15.83 1.07
CA GLY A 182 12.24 -17.22 0.86
C GLY A 182 12.21 -17.50 2.34
N GLU A 183 11.05 -17.90 2.83
CA GLU A 183 10.86 -18.21 4.22
C GLU A 183 9.63 -19.12 4.23
N MET B 1 -29.26 -12.19 1.41
CA MET B 1 -28.97 -12.43 0.00
C MET B 1 -27.90 -11.47 -0.50
N GLN B 2 -27.71 -10.37 0.21
CA GLN B 2 -26.73 -9.34 -0.14
C GLN B 2 -25.77 -9.17 1.02
N ILE B 3 -24.48 -9.43 0.78
CA ILE B 3 -23.44 -9.23 1.79
C ILE B 3 -22.42 -8.25 1.24
N PHE B 4 -21.80 -7.50 2.14
CA PHE B 4 -20.80 -6.52 1.74
C PHE B 4 -19.40 -7.04 2.03
N VAL B 5 -18.48 -6.72 1.14
CA VAL B 5 -17.08 -7.10 1.26
C VAL B 5 -16.27 -5.82 1.20
N LYS B 6 -15.64 -5.44 2.31
CA LYS B 6 -14.88 -4.21 2.40
C LYS B 6 -13.40 -4.53 2.47
N THR B 7 -12.58 -3.58 2.03
CA THR B 7 -11.18 -3.84 1.77
C THR B 7 -10.30 -2.76 2.41
N LEU B 8 -9.00 -2.98 2.36
CA LEU B 8 -8.05 -2.04 2.95
C LEU B 8 -7.86 -0.77 2.13
N THR B 9 -8.22 -0.77 0.85
CA THR B 9 -8.12 0.47 0.07
C THR B 9 -9.37 1.33 0.14
N GLY B 10 -10.36 0.93 0.92
CA GLY B 10 -11.54 1.73 1.18
C GLY B 10 -12.83 1.16 0.63
N LYS B 11 -12.75 0.19 -0.28
CA LYS B 11 -13.92 -0.19 -1.08
C LYS B 11 -14.90 -1.07 -0.31
N THR B 12 -16.18 -0.80 -0.54
CA THR B 12 -17.25 -1.77 -0.33
C THR B 12 -17.59 -2.42 -1.66
N ILE B 13 -17.97 -3.70 -1.60
CA ILE B 13 -18.34 -4.46 -2.78
C ILE B 13 -19.55 -5.28 -2.39
N THR B 14 -20.70 -4.95 -2.95
CA THR B 14 -21.89 -5.75 -2.72
C THR B 14 -21.75 -7.06 -3.48
N LEU B 15 -22.16 -8.15 -2.84
CA LEU B 15 -22.14 -9.48 -3.43
C LEU B 15 -23.47 -10.13 -3.14
N GLU B 16 -24.24 -10.40 -4.18
CA GLU B 16 -25.49 -11.14 -4.05
C GLU B 16 -25.14 -12.63 -3.94
N VAL B 17 -25.61 -13.27 -2.88
CA VAL B 17 -25.24 -14.65 -2.58
C VAL B 17 -26.17 -15.18 -1.50
N GLU B 18 -27.20 -15.92 -1.91
CA GLU B 18 -28.14 -16.56 -1.00
C GLU B 18 -27.35 -17.32 0.06
N PRO B 19 -27.27 -16.81 1.30
CA PRO B 19 -26.40 -17.44 2.31
C PRO B 19 -26.77 -18.88 2.57
N SER B 20 -26.06 -19.79 1.91
CA SER B 20 -26.30 -21.22 2.02
C SER B 20 -25.24 -22.01 1.27
N ASP B 21 -24.32 -21.29 0.61
CA ASP B 21 -23.30 -21.93 -0.22
C ASP B 21 -21.95 -21.99 0.50
N THR B 22 -20.84 -21.77 -0.22
CA THR B 22 -19.50 -22.00 0.30
C THR B 22 -18.61 -20.77 0.12
N ILE B 23 -17.49 -20.75 0.86
CA ILE B 23 -16.60 -19.60 0.89
C ILE B 23 -15.84 -19.45 -0.43
N GLU B 24 -15.43 -20.58 -1.03
CA GLU B 24 -14.83 -20.53 -2.35
C GLU B 24 -15.77 -19.87 -3.37
N ASN B 25 -17.09 -19.96 -3.13
CA ASN B 25 -18.06 -19.32 -4.01
C ASN B 25 -18.03 -17.80 -3.86
N VAL B 26 -17.91 -17.30 -2.63
CA VAL B 26 -17.73 -15.86 -2.41
C VAL B 26 -16.42 -15.39 -3.04
N LYS B 27 -15.37 -16.22 -2.93
CA LYS B 27 -14.10 -15.88 -3.55
C LYS B 27 -14.26 -15.77 -5.07
N ALA B 28 -15.01 -16.70 -5.67
CA ALA B 28 -15.25 -16.64 -7.11
C ALA B 28 -16.05 -15.39 -7.50
N LYS B 29 -17.05 -15.04 -6.69
CA LYS B 29 -17.84 -13.83 -6.94
C LYS B 29 -16.94 -12.59 -6.93
N ILE B 30 -16.03 -12.51 -5.95
CA ILE B 30 -15.13 -11.36 -5.91
C ILE B 30 -14.18 -11.38 -7.09
N GLN B 31 -13.74 -12.56 -7.52
CA GLN B 31 -12.83 -12.59 -8.66
C GLN B 31 -13.52 -12.06 -9.90
N ASP B 32 -14.78 -12.46 -10.13
CA ASP B 32 -15.53 -11.93 -11.26
C ASP B 32 -15.70 -10.42 -11.17
N LYS B 33 -16.14 -9.92 -10.00
CA LYS B 33 -16.46 -8.51 -9.90
C LYS B 33 -15.22 -7.61 -9.93
N GLU B 34 -14.07 -8.08 -9.43
CA GLU B 34 -12.90 -7.22 -9.39
C GLU B 34 -11.63 -7.82 -9.98
N GLY B 35 -11.67 -9.04 -10.50
CA GLY B 35 -10.53 -9.57 -11.22
C GLY B 35 -9.43 -10.18 -10.38
N ILE B 36 -9.44 -9.95 -9.07
CA ILE B 36 -8.45 -10.53 -8.17
C ILE B 36 -8.66 -12.03 -8.09
N PRO B 37 -7.69 -12.85 -8.50
CA PRO B 37 -7.86 -14.32 -8.42
C PRO B 37 -8.22 -14.75 -7.01
N PRO B 38 -8.82 -15.94 -6.85
CA PRO B 38 -9.25 -16.34 -5.50
C PRO B 38 -8.08 -16.56 -4.56
N ASP B 39 -6.93 -16.99 -5.06
CA ASP B 39 -5.80 -17.38 -4.22
C ASP B 39 -4.97 -16.20 -3.72
N GLN B 40 -5.38 -14.96 -4.01
CA GLN B 40 -4.78 -13.76 -3.44
C GLN B 40 -5.67 -13.13 -2.37
N GLN B 41 -6.69 -13.85 -1.92
CA GLN B 41 -7.73 -13.31 -1.06
C GLN B 41 -7.72 -14.01 0.29
N ARG B 42 -7.77 -13.24 1.37
CA ARG B 42 -8.06 -13.74 2.70
C ARG B 42 -9.35 -13.07 3.15
N LEU B 43 -10.32 -13.89 3.56
CA LEU B 43 -11.63 -13.42 3.97
C LEU B 43 -11.78 -13.58 5.48
N ILE B 44 -12.07 -12.48 6.17
CA ILE B 44 -12.24 -12.47 7.61
C ILE B 44 -13.63 -11.94 7.93
N PHE B 45 -14.44 -12.75 8.61
CA PHE B 45 -15.73 -12.32 9.14
C PHE B 45 -15.67 -12.33 10.66
N ALA B 46 -15.84 -11.16 11.27
CA ALA B 46 -15.93 -11.01 12.73
C ALA B 46 -14.78 -11.73 13.43
N GLY B 47 -13.58 -11.19 13.20
CA GLY B 47 -12.37 -11.74 13.79
C GLY B 47 -12.20 -13.22 13.57
N LYS B 48 -12.56 -13.72 12.40
CA LYS B 48 -12.40 -15.14 12.09
C LYS B 48 -12.09 -15.30 10.61
N GLN B 49 -10.91 -15.84 10.29
CA GLN B 49 -10.59 -16.16 8.91
C GLN B 49 -11.35 -17.41 8.50
N LEU B 50 -11.85 -17.42 7.27
CA LEU B 50 -12.88 -18.35 6.86
C LEU B 50 -12.29 -19.49 6.03
N GLU B 51 -12.59 -20.72 6.44
CA GLU B 51 -12.10 -21.91 5.75
C GLU B 51 -12.98 -22.22 4.54
N ASP B 52 -12.35 -22.81 3.52
CA ASP B 52 -13.00 -22.96 2.23
C ASP B 52 -14.19 -23.91 2.29
N GLY B 53 -13.94 -25.16 2.69
CA GLY B 53 -15.02 -26.13 2.78
C GLY B 53 -16.14 -25.69 3.69
N ARG B 54 -15.81 -24.93 4.73
CA ARG B 54 -16.85 -24.43 5.62
C ARG B 54 -17.84 -23.55 4.84
N THR B 55 -19.12 -23.69 5.17
CA THR B 55 -20.21 -23.02 4.47
C THR B 55 -20.54 -21.69 5.14
N LEU B 56 -21.47 -20.94 4.52
CA LEU B 56 -21.65 -19.53 4.89
C LEU B 56 -22.48 -19.37 6.15
N SER B 57 -23.35 -20.33 6.46
CA SER B 57 -24.06 -20.34 7.73
C SER B 57 -23.37 -21.19 8.78
N ASP B 58 -22.35 -21.97 8.40
CA ASP B 58 -21.40 -22.45 9.39
C ASP B 58 -20.84 -21.30 10.20
N TYR B 59 -20.38 -20.26 9.51
CA TYR B 59 -19.88 -19.03 10.12
C TYR B 59 -20.98 -18.03 10.47
N ASN B 60 -22.25 -18.48 10.50
CA ASN B 60 -23.40 -17.66 10.91
C ASN B 60 -23.47 -16.32 10.17
N ILE B 61 -22.77 -16.19 9.04
CA ILE B 61 -22.79 -14.93 8.29
C ILE B 61 -24.18 -14.76 7.67
N GLN B 62 -24.89 -13.74 8.12
CA GLN B 62 -26.25 -13.49 7.67
C GLN B 62 -26.24 -12.40 6.60
N LYS B 63 -27.42 -11.88 6.29
CA LYS B 63 -27.56 -10.85 5.27
C LYS B 63 -27.31 -9.49 5.87
N GLU B 64 -26.50 -8.68 5.16
CA GLU B 64 -26.06 -7.34 5.56
C GLU B 64 -24.83 -7.40 6.45
N SER B 65 -24.55 -8.56 7.04
CA SER B 65 -23.24 -8.82 7.61
C SER B 65 -22.14 -8.42 6.62
N THR B 66 -20.97 -8.11 7.16
CA THR B 66 -19.90 -7.59 6.33
C THR B 66 -18.60 -8.33 6.57
N LEU B 67 -17.95 -8.69 5.47
CA LEU B 67 -16.71 -9.45 5.44
C LEU B 67 -15.58 -8.54 5.00
N HIS B 68 -14.41 -8.72 5.61
CA HIS B 68 -13.22 -7.93 5.30
C HIS B 68 -12.29 -8.77 4.44
N LEU B 69 -11.77 -8.16 3.37
CA LEU B 69 -10.92 -8.84 2.39
C LEU B 69 -9.54 -8.22 2.44
N VAL B 70 -8.53 -9.04 2.72
CA VAL B 70 -7.14 -8.58 2.69
C VAL B 70 -6.39 -9.38 1.64
N LEU B 71 -5.62 -8.68 0.82
CA LEU B 71 -4.98 -9.30 -0.33
C LEU B 71 -3.55 -9.68 0.00
N ARG B 72 -3.18 -10.89 -0.42
CA ARG B 72 -1.87 -11.45 -0.19
C ARG B 72 -0.86 -10.86 -1.17
N LEU B 73 -0.81 -9.53 -1.18
CA LEU B 73 0.14 -8.75 -1.95
C LEU B 73 1.09 -8.04 -0.99
N ARG B 74 2.18 -7.52 -1.57
CA ARG B 74 3.16 -6.76 -0.82
C ARG B 74 4.11 -6.10 -1.81
N GLY B 75 4.73 -4.97 -1.45
CA GLY B 75 5.55 -4.24 -2.39
C GLY B 75 6.86 -3.78 -1.76
N CYS B 76 7.82 -3.45 -2.63
CA CYS B 76 9.10 -2.90 -2.14
C CYS B 76 9.24 -1.38 -2.29
#